data_3L3P
#
_entry.id   3L3P
#
_cell.length_a   92.659
_cell.length_b   92.659
_cell.length_c   135.612
_cell.angle_alpha   90.00
_cell.angle_beta   90.00
_cell.angle_gamma   120.00
#
_symmetry.space_group_name_H-M   'P 62 2 2'
#
_entity_poly.entity_id   1
_entity_poly.type   'polypeptide(L)'
_entity_poly.pdbx_seq_one_letter_code
;SLADAVTAWFPENKQSDVSQIWHAFEHEEHANTFSAFLDRLSDTVSARNTSGFREQVAAWLEKLSASAELRQQSFAVAAD
ATESCEDRVALTWNNLRKTLLVHQASEGLFDNDTGALLSLGREMFRLEILEDIARDKVRTLHFVDEIEVYLAFQTMLAEK
LQLSTAVKEMRFYGVSGVTANDLRTAEAMVRSREENEFTDWFSLWGPWHAVLKRTEADRWAQAEEQKYEMLENEYPQRVA
DRLKASGLSGDADAEREAGAQVMRETEQQIYRQLTDEVLALRLSENGSQLHHS
;
_entity_poly.pdbx_strand_id   A
#
# COMPACT_ATOMS: atom_id res chain seq x y z
N SER A 1 -5.90 -25.37 15.72
CA SER A 1 -4.80 -26.23 15.20
C SER A 1 -5.16 -26.92 13.88
N LEU A 2 -4.24 -27.72 13.37
CA LEU A 2 -4.37 -28.39 12.07
C LEU A 2 -5.38 -29.53 12.08
N ALA A 3 -5.38 -30.32 13.15
CA ALA A 3 -6.26 -31.48 13.29
C ALA A 3 -7.74 -31.13 13.12
N ASP A 4 -8.09 -29.89 13.47
CA ASP A 4 -9.47 -29.42 13.41
C ASP A 4 -9.83 -28.72 12.09
N ALA A 5 -8.83 -28.10 11.46
CA ALA A 5 -9.03 -27.41 10.17
C ALA A 5 -9.21 -28.39 9.02
N VAL A 6 -8.57 -29.55 9.13
CA VAL A 6 -8.67 -30.60 8.12
C VAL A 6 -9.98 -31.36 8.28
N THR A 7 -10.33 -31.69 9.52
CA THR A 7 -11.49 -32.52 9.83
C THR A 7 -12.84 -31.90 9.43
N ALA A 8 -12.88 -30.57 9.31
CA ALA A 8 -14.09 -29.83 8.99
C ALA A 8 -14.55 -29.96 7.52
N TRP A 9 -13.81 -30.76 6.75
CA TRP A 9 -14.10 -30.97 5.33
C TRP A 9 -14.76 -32.33 5.07
N PHE A 10 -14.92 -33.12 6.13
CA PHE A 10 -15.42 -34.49 6.03
C PHE A 10 -16.80 -34.65 6.66
N PRO A 11 -17.58 -35.67 6.23
CA PRO A 11 -18.85 -36.00 6.88
C PRO A 11 -18.67 -36.59 8.28
N GLU A 12 -19.75 -36.63 9.06
CA GLU A 12 -19.72 -37.07 10.47
C GLU A 12 -19.02 -38.40 10.74
N ASN A 13 -19.28 -39.39 9.90
CA ASN A 13 -18.68 -40.73 10.04
C ASN A 13 -17.16 -40.75 9.97
N LYS A 14 -16.60 -40.03 9.00
CA LYS A 14 -15.16 -39.98 8.79
C LYS A 14 -14.48 -38.89 9.63
N GLN A 15 -15.28 -38.03 10.24
CA GLN A 15 -14.80 -36.88 11.01
C GLN A 15 -13.81 -37.27 12.12
N SER A 16 -14.17 -38.29 12.88
CA SER A 16 -13.42 -38.68 14.09
C SER A 16 -12.06 -39.32 13.79
N ASP A 17 -12.04 -40.27 12.85
CA ASP A 17 -10.82 -41.00 12.51
C ASP A 17 -9.84 -40.21 11.64
N VAL A 18 -10.35 -39.33 10.79
CA VAL A 18 -9.51 -38.40 10.02
C VAL A 18 -8.81 -37.43 10.97
N SER A 19 -9.54 -36.97 11.98
CA SER A 19 -8.99 -36.13 13.03
C SER A 19 -7.88 -36.86 13.80
N GLN A 20 -8.06 -38.16 13.98
CA GLN A 20 -7.09 -39.01 14.68
C GLN A 20 -5.76 -39.12 13.93
N ILE A 21 -5.83 -39.21 12.61
CA ILE A 21 -4.66 -39.36 11.74
C ILE A 21 -3.78 -38.11 11.73
N TRP A 22 -4.41 -36.96 11.45
CA TRP A 22 -3.70 -35.70 11.23
C TRP A 22 -3.03 -35.10 12.47
N HIS A 23 -3.18 -35.76 13.62
CA HIS A 23 -2.52 -35.25 14.84
C HIS A 23 -1.05 -35.66 14.93
N ALA A 24 -0.59 -36.43 13.94
CA ALA A 24 0.81 -36.86 13.86
C ALA A 24 1.68 -35.86 13.10
N PHE A 25 1.05 -34.88 12.46
CA PHE A 25 1.76 -33.88 11.67
C PHE A 25 1.77 -32.49 12.32
N GLU A 26 1.03 -32.37 13.43
CA GLU A 26 0.87 -31.10 14.16
C GLU A 26 2.11 -30.22 14.19
N HIS A 27 3.25 -30.83 14.52
CA HIS A 27 4.51 -30.10 14.57
C HIS A 27 5.47 -30.45 13.43
N GLU A 28 4.97 -30.29 12.22
CA GLU A 28 5.80 -30.26 11.02
C GLU A 28 6.00 -28.80 10.64
N GLU A 29 6.96 -28.54 9.76
CA GLU A 29 7.20 -27.19 9.28
C GLU A 29 5.99 -26.73 8.46
N HIS A 30 5.62 -25.45 8.63
CA HIS A 30 4.49 -24.82 7.92
C HIS A 30 3.11 -25.34 8.35
N ALA A 31 3.09 -26.33 9.25
CA ALA A 31 1.83 -26.90 9.75
C ALA A 31 0.97 -25.84 10.42
N ASN A 32 1.64 -24.88 11.03
CA ASN A 32 1.00 -23.71 11.62
C ASN A 32 0.18 -22.91 10.60
N THR A 33 0.78 -22.67 9.43
CA THR A 33 0.18 -21.80 8.42
C THR A 33 -0.79 -22.51 7.48
N PHE A 34 -0.48 -23.75 7.12
CA PHE A 34 -1.35 -24.56 6.24
C PHE A 34 -2.76 -24.70 6.81
N SER A 35 -2.83 -24.80 8.14
CA SER A 35 -4.10 -24.89 8.86
C SER A 35 -4.95 -23.63 8.71
N ALA A 36 -4.28 -22.49 8.54
CA ALA A 36 -4.96 -21.21 8.32
C ALA A 36 -5.54 -21.13 6.91
N PHE A 37 -4.80 -21.68 5.95
CA PHE A 37 -5.22 -21.72 4.54
C PHE A 37 -6.54 -22.48 4.36
N LEU A 38 -6.64 -23.64 5.01
CA LEU A 38 -7.83 -24.48 4.93
C LEU A 38 -9.07 -23.76 5.45
N ASP A 39 -8.88 -22.95 6.50
CA ASP A 39 -9.96 -22.17 7.07
C ASP A 39 -10.35 -21.01 6.14
N ARG A 40 -9.34 -20.43 5.48
CA ARG A 40 -9.58 -19.32 4.55
C ARG A 40 -10.04 -19.82 3.18
N LEU A 41 -9.86 -21.11 2.93
CA LEU A 41 -10.41 -21.77 1.76
C LEU A 41 -11.87 -22.16 2.04
N SER A 42 -12.18 -22.36 3.31
CA SER A 42 -13.50 -22.81 3.74
C SER A 42 -14.59 -21.76 3.57
N ASP A 43 -14.19 -20.50 3.42
CA ASP A 43 -15.12 -19.38 3.30
C ASP A 43 -15.83 -19.34 1.93
N THR A 44 -15.12 -19.74 0.88
CA THR A 44 -15.63 -19.66 -0.49
C THR A 44 -16.65 -20.74 -0.80
N VAL A 45 -17.84 -20.61 -0.21
CA VAL A 45 -18.98 -21.47 -0.55
C VAL A 45 -19.71 -20.91 -1.77
N SER A 46 -19.40 -19.65 -2.10
CA SER A 46 -19.96 -18.97 -3.27
C SER A 46 -19.11 -19.26 -4.52
N THR A 50 -22.04 -23.67 -3.03
CA THR A 50 -21.46 -24.80 -3.75
C THR A 50 -21.83 -26.15 -3.11
N SER A 51 -21.86 -27.19 -3.93
CA SER A 51 -22.15 -28.55 -3.47
C SER A 51 -21.34 -29.57 -4.26
N GLY A 52 -20.43 -30.25 -3.57
CA GLY A 52 -19.56 -31.24 -4.21
C GLY A 52 -18.10 -30.85 -4.14
N PHE A 53 -17.83 -29.57 -3.91
CA PHE A 53 -16.47 -29.04 -3.83
C PHE A 53 -15.75 -29.45 -2.55
N ARG A 54 -16.45 -29.42 -1.42
CA ARG A 54 -15.91 -29.89 -0.15
C ARG A 54 -15.49 -31.36 -0.25
N GLU A 55 -16.22 -32.10 -1.09
CA GLU A 55 -15.92 -33.50 -1.37
C GLU A 55 -14.64 -33.65 -2.20
N GLN A 56 -14.37 -32.65 -3.03
CA GLN A 56 -13.17 -32.62 -3.87
C GLN A 56 -11.93 -32.28 -3.04
N VAL A 57 -12.10 -31.37 -2.08
CA VAL A 57 -11.02 -30.96 -1.18
C VAL A 57 -10.67 -32.08 -0.19
N ALA A 58 -11.70 -32.72 0.35
CA ALA A 58 -11.54 -33.86 1.26
C ALA A 58 -10.78 -35.00 0.58
N ALA A 59 -11.13 -35.29 -0.67
CA ALA A 59 -10.44 -36.29 -1.47
C ALA A 59 -8.98 -35.93 -1.68
N TRP A 60 -8.71 -34.64 -1.87
CA TRP A 60 -7.35 -34.12 -1.97
C TRP A 60 -6.60 -34.21 -0.64
N LEU A 61 -7.28 -33.86 0.45
CA LEU A 61 -6.69 -33.90 1.79
C LEU A 61 -6.29 -35.31 2.21
N GLU A 62 -7.06 -36.30 1.75
CA GLU A 62 -6.78 -37.70 2.00
C GLU A 62 -5.45 -38.14 1.39
N LYS A 63 -5.07 -37.51 0.28
CA LYS A 63 -3.86 -37.86 -0.44
C LYS A 63 -2.59 -37.31 0.25
N LEU A 64 -2.75 -36.21 0.99
CA LEU A 64 -1.66 -35.65 1.79
C LEU A 64 -1.34 -36.51 3.01
N SER A 65 -2.33 -37.26 3.47
CA SER A 65 -2.15 -38.21 4.58
C SER A 65 -1.19 -39.33 4.17
N ALA A 66 -1.32 -39.78 2.93
CA ALA A 66 -0.52 -40.88 2.39
C ALA A 66 0.96 -40.50 2.22
N SER A 67 1.22 -39.48 1.41
CA SER A 67 2.59 -39.09 1.08
C SER A 67 3.12 -37.98 1.99
N ALA A 68 4.28 -38.22 2.59
CA ALA A 68 4.98 -37.23 3.40
C ALA A 68 5.68 -36.18 2.55
N GLU A 69 5.90 -36.51 1.28
CA GLU A 69 6.54 -35.60 0.33
C GLU A 69 5.54 -34.65 -0.34
N LEU A 70 4.40 -35.20 -0.77
CA LEU A 70 3.33 -34.38 -1.34
C LEU A 70 2.84 -33.36 -0.32
N ARG A 71 2.71 -33.80 0.92
CA ARG A 71 2.30 -32.95 2.03
C ARG A 71 3.37 -31.91 2.36
N GLN A 72 4.65 -32.31 2.23
CA GLN A 72 5.78 -31.39 2.40
C GLN A 72 5.67 -30.21 1.44
N GLN A 73 5.38 -30.51 0.17
CA GLN A 73 5.24 -29.48 -0.86
C GLN A 73 4.02 -28.62 -0.60
N SER A 74 2.86 -29.26 -0.52
CA SER A 74 1.58 -28.58 -0.38
C SER A 74 1.51 -27.67 0.86
N PHE A 75 2.21 -28.07 1.92
CA PHE A 75 2.32 -27.26 3.13
C PHE A 75 3.13 -25.99 2.87
N ALA A 76 4.19 -26.14 2.07
CA ALA A 76 5.09 -25.03 1.75
C ALA A 76 4.52 -24.06 0.73
N VAL A 77 3.76 -24.59 -0.24
CA VAL A 77 3.11 -23.75 -1.25
C VAL A 77 2.01 -22.91 -0.61
N ALA A 78 1.25 -23.51 0.30
CA ALA A 78 0.21 -22.80 1.06
C ALA A 78 0.84 -21.84 2.07
N ALA A 79 2.03 -22.17 2.55
CA ALA A 79 2.77 -21.29 3.44
C ALA A 79 3.25 -20.04 2.73
N ASP A 80 3.59 -20.19 1.44
CA ASP A 80 4.03 -19.06 0.61
C ASP A 80 2.92 -18.04 0.45
N ALA A 81 1.70 -18.53 0.25
CA ALA A 81 0.52 -17.67 0.12
C ALA A 81 0.23 -16.95 1.43
N THR A 82 0.32 -17.68 2.54
CA THR A 82 0.07 -17.14 3.88
C THR A 82 1.13 -16.10 4.26
N GLU A 83 2.38 -16.38 3.92
CA GLU A 83 3.49 -15.46 4.15
C GLU A 83 3.28 -14.17 3.35
N SER A 84 2.76 -14.32 2.13
CA SER A 84 2.44 -13.18 1.26
C SER A 84 1.20 -12.43 1.76
N CYS A 85 0.24 -13.16 2.33
CA CYS A 85 -0.98 -12.57 2.88
C CYS A 85 -0.70 -11.72 4.12
N GLU A 86 0.19 -12.19 4.98
CA GLU A 86 0.61 -11.44 6.17
C GLU A 86 1.39 -10.18 5.80
N ASP A 87 2.02 -10.18 4.62
CA ASP A 87 2.69 -9.00 4.09
C ASP A 87 1.69 -7.92 3.65
N ARG A 88 0.66 -8.34 2.91
CA ARG A 88 -0.42 -7.44 2.49
C ARG A 88 -1.12 -6.84 3.70
N VAL A 89 -1.34 -7.67 4.73
CA VAL A 89 -1.89 -7.26 6.02
C VAL A 89 -1.05 -6.17 6.70
N ALA A 90 0.27 -6.32 6.62
CA ALA A 90 1.21 -5.34 7.17
C ALA A 90 1.20 -4.02 6.39
N LEU A 91 0.81 -4.09 5.11
CA LEU A 91 0.74 -2.91 4.25
C LEU A 91 -0.58 -2.18 4.43
N THR A 92 -1.66 -2.95 4.59
CA THR A 92 -3.01 -2.40 4.79
C THR A 92 -3.07 -1.50 6.02
N TRP A 93 -2.28 -1.84 7.04
CA TRP A 93 -2.18 -1.03 8.25
C TRP A 93 -1.62 0.37 7.98
N ASN A 94 -0.74 0.48 6.99
CA ASN A 94 -0.24 1.78 6.53
C ASN A 94 -1.30 2.60 5.81
N ASN A 95 -2.16 1.89 5.08
CA ASN A 95 -3.26 2.52 4.36
C ASN A 95 -4.39 2.94 5.30
N LEU A 96 -4.56 2.20 6.39
CA LEU A 96 -5.52 2.54 7.44
C LEU A 96 -5.08 3.79 8.20
N ARG A 97 -3.78 3.91 8.41
CA ARG A 97 -3.22 5.09 9.08
C ARG A 97 -3.25 6.30 8.15
N LYS A 98 -3.22 6.02 6.84
CA LYS A 98 -3.35 7.06 5.81
C LYS A 98 -4.78 7.60 5.83
N THR A 99 -5.74 6.71 6.09
CA THR A 99 -7.14 7.08 6.23
C THR A 99 -7.36 7.92 7.49
N LEU A 100 -6.76 7.47 8.59
CA LEU A 100 -6.90 8.12 9.89
C LEU A 100 -6.48 9.58 9.84
N LEU A 101 -5.31 9.84 9.27
CA LEU A 101 -4.77 11.20 9.15
C LEU A 101 -5.70 12.14 8.39
N VAL A 102 -6.24 11.65 7.27
CA VAL A 102 -7.21 12.41 6.48
C VAL A 102 -8.39 12.83 7.37
N HIS A 103 -8.89 11.90 8.16
CA HIS A 103 -10.03 12.15 9.03
C HIS A 103 -9.67 13.06 10.21
N GLN A 104 -8.57 12.76 10.90
CA GLN A 104 -8.10 13.55 12.03
C GLN A 104 -7.88 15.01 11.66
N ALA A 105 -7.32 15.23 10.47
CA ALA A 105 -7.05 16.58 9.97
C ALA A 105 -8.34 17.33 9.66
N SER A 106 -9.30 16.64 9.06
CA SER A 106 -10.60 17.23 8.76
C SER A 106 -11.43 17.40 10.03
N GLU A 107 -11.12 16.62 11.07
CA GLU A 107 -11.71 16.79 12.40
C GLU A 107 -11.18 18.03 13.09
N GLY A 108 -9.93 18.39 12.79
CA GLY A 108 -9.32 19.59 13.31
C GLY A 108 -8.29 19.32 14.39
N LEU A 109 -7.72 18.12 14.36
CA LEU A 109 -6.69 17.72 15.33
C LEU A 109 -5.40 18.50 15.07
N PHE A 110 -5.13 18.80 13.81
CA PHE A 110 -3.88 19.46 13.42
C PHE A 110 -4.05 20.95 13.17
N ASP A 111 -5.28 21.46 13.35
CA ASP A 111 -5.63 22.84 13.02
C ASP A 111 -4.54 23.87 13.25
N ASN A 112 -4.01 23.90 14.48
CA ASN A 112 -2.86 24.75 14.80
C ASN A 112 -1.68 23.92 15.32
N ASP A 113 -1.62 22.67 14.88
CA ASP A 113 -0.49 21.80 15.16
C ASP A 113 0.10 21.32 13.84
N THR A 114 0.74 22.25 13.12
CA THR A 114 1.31 21.98 11.79
C THR A 114 2.62 21.20 11.89
N GLY A 115 3.29 21.31 13.03
CA GLY A 115 4.54 20.59 13.28
C GLY A 115 4.38 19.09 13.24
N ALA A 116 3.28 18.60 13.83
CA ALA A 116 2.99 17.17 13.90
C ALA A 116 2.58 16.58 12.56
N LEU A 117 1.74 17.31 11.81
CA LEU A 117 1.29 16.86 10.49
C LEU A 117 2.45 16.85 9.50
N LEU A 118 3.30 17.87 9.59
CA LEU A 118 4.49 17.98 8.75
C LEU A 118 5.44 16.81 9.03
N SER A 119 5.54 16.43 10.29
CA SER A 119 6.38 15.31 10.72
C SER A 119 5.80 13.96 10.28
N LEU A 120 4.47 13.82 10.40
CA LEU A 120 3.79 12.60 9.97
C LEU A 120 3.79 12.45 8.45
N GLY A 121 3.76 13.59 7.76
CA GLY A 121 3.88 13.62 6.30
C GLY A 121 5.21 13.10 5.81
N ARG A 122 6.27 13.46 6.53
CA ARG A 122 7.62 12.96 6.23
C ARG A 122 7.68 11.44 6.35
N GLU A 123 7.03 10.89 7.38
CA GLU A 123 6.95 9.45 7.59
C GLU A 123 6.24 8.74 6.44
N MET A 124 5.13 9.33 5.97
CA MET A 124 4.38 8.77 4.86
C MET A 124 5.13 8.88 3.53
N PHE A 125 5.91 9.96 3.38
CA PHE A 125 6.70 10.19 2.17
C PHE A 125 7.83 9.17 2.04
N ARG A 126 8.52 8.90 3.16
CA ARG A 126 9.61 7.94 3.20
C ARG A 126 9.15 6.53 2.86
N LEU A 127 7.93 6.20 3.27
CA LEU A 127 7.31 4.90 2.97
C LEU A 127 7.01 4.77 1.47
N GLU A 128 6.55 5.86 0.87
CA GLU A 128 6.29 5.92 -0.56
C GLU A 128 7.57 5.75 -1.37
N ILE A 129 8.66 6.30 -0.85
CA ILE A 129 9.95 6.23 -1.52
C ILE A 129 10.57 4.83 -1.36
N LEU A 130 10.18 4.15 -0.29
CA LEU A 130 10.57 2.76 -0.07
C LEU A 130 9.84 1.82 -1.02
N GLU A 131 8.64 2.22 -1.43
CA GLU A 131 7.86 1.48 -2.43
C GLU A 131 8.52 1.52 -3.80
N ASP A 132 9.10 2.66 -4.14
CA ASP A 132 9.84 2.83 -5.40
C ASP A 132 11.17 2.08 -5.39
N ILE A 133 11.76 1.97 -4.20
CA ILE A 133 13.00 1.20 -3.98
C ILE A 133 12.79 -0.31 -4.14
N ALA A 134 11.53 -0.74 -4.08
CA ALA A 134 11.18 -2.16 -4.25
C ALA A 134 10.66 -2.48 -5.65
N ARG A 135 9.90 -1.54 -6.24
CA ARG A 135 9.24 -1.73 -7.54
C ARG A 135 10.20 -1.98 -8.72
N ASP A 136 11.51 -1.92 -8.45
CA ASP A 136 12.51 -2.12 -9.50
C ASP A 136 13.42 -3.34 -9.27
N LYS A 137 13.61 -3.71 -8.00
CA LYS A 137 14.48 -4.84 -7.64
C LYS A 137 13.99 -6.18 -8.21
N VAL A 138 12.69 -6.26 -8.49
CA VAL A 138 12.02 -7.43 -9.13
C VAL A 138 12.42 -8.83 -8.61
N GLU A 146 6.68 -10.73 -3.36
CA GLU A 146 8.07 -10.34 -3.54
C GLU A 146 8.31 -8.89 -3.11
N ILE A 147 7.23 -8.12 -2.96
CA ILE A 147 7.31 -6.78 -2.36
C ILE A 147 7.52 -6.85 -0.84
N GLU A 148 7.64 -8.06 -0.33
CA GLU A 148 8.05 -8.32 1.05
C GLU A 148 9.42 -7.72 1.33
N VAL A 149 10.12 -7.33 0.26
CA VAL A 149 11.37 -6.60 0.35
C VAL A 149 11.14 -5.18 0.86
N TYR A 150 10.03 -4.57 0.43
CA TYR A 150 9.60 -3.28 0.97
C TYR A 150 9.31 -3.41 2.46
N LEU A 151 8.63 -4.50 2.83
CA LEU A 151 8.35 -4.82 4.22
C LEU A 151 9.64 -5.03 5.00
N ALA A 152 10.65 -5.58 4.33
CA ALA A 152 11.96 -5.80 4.94
C ALA A 152 12.71 -4.48 5.17
N PHE A 153 12.67 -3.58 4.18
CA PHE A 153 13.31 -2.27 4.29
C PHE A 153 12.71 -1.44 5.42
N GLN A 154 11.38 -1.40 5.48
CA GLN A 154 10.63 -0.63 6.49
C GLN A 154 10.99 -1.05 7.92
N THR A 155 11.09 -2.36 8.13
CA THR A 155 11.39 -2.91 9.45
C THR A 155 12.76 -2.46 9.95
N MET A 156 13.77 -2.60 9.09
CA MET A 156 15.15 -2.32 9.47
C MET A 156 15.43 -0.82 9.62
N LEU A 157 14.81 -0.02 8.74
CA LEU A 157 15.05 1.43 8.72
C LEU A 157 14.08 2.20 9.63
N ALA A 158 13.32 1.47 10.44
CA ALA A 158 12.31 2.05 11.34
C ALA A 158 12.91 3.00 12.39
N GLU A 159 14.11 2.68 12.87
CA GLU A 159 14.81 3.51 13.85
C GLU A 159 15.64 4.59 13.17
N LYS A 160 16.25 4.23 12.04
CA LYS A 160 17.17 5.11 11.32
C LYS A 160 16.44 6.25 10.59
N LEU A 161 15.25 5.97 10.08
CA LEU A 161 14.45 6.97 9.37
C LEU A 161 13.21 7.42 10.15
N GLN A 162 13.08 6.91 11.38
CA GLN A 162 11.97 7.26 12.29
C GLN A 162 10.61 6.84 11.70
N LEU A 163 10.33 5.55 11.75
CA LEU A 163 9.09 4.99 11.22
C LEU A 163 8.33 4.22 12.31
N SER A 164 7.04 4.52 12.45
CA SER A 164 6.21 3.95 13.51
C SER A 164 5.33 2.78 13.04
N THR A 165 5.87 1.99 12.12
CA THR A 165 5.20 0.79 11.63
C THR A 165 6.23 -0.27 11.23
N VAL A 175 19.67 -11.95 8.62
CA VAL A 175 19.02 -10.68 8.28
C VAL A 175 17.66 -10.90 7.58
N SER A 176 17.61 -11.90 6.69
CA SER A 176 16.39 -12.37 5.99
C SER A 176 16.23 -11.91 4.53
N GLY A 177 15.98 -10.62 4.33
CA GLY A 177 15.71 -10.08 3.00
C GLY A 177 16.94 -9.89 2.12
N VAL A 178 17.51 -8.69 2.14
CA VAL A 178 18.67 -8.35 1.31
C VAL A 178 19.92 -8.04 2.13
N THR A 179 20.97 -7.59 1.44
CA THR A 179 22.28 -7.33 2.04
C THR A 179 22.24 -6.20 3.06
N ALA A 180 23.15 -6.26 4.03
CA ALA A 180 23.29 -5.25 5.07
C ALA A 180 23.72 -3.89 4.52
N ASN A 181 24.47 -3.91 3.41
CA ASN A 181 24.92 -2.67 2.77
C ASN A 181 23.90 -2.07 1.80
N ASP A 182 22.86 -2.84 1.48
CA ASP A 182 21.75 -2.36 0.66
C ASP A 182 20.93 -1.30 1.40
N LEU A 183 20.92 -1.40 2.72
CA LEU A 183 20.25 -0.43 3.59
C LEU A 183 20.93 0.94 3.53
N ARG A 184 22.23 0.93 3.25
CA ARG A 184 23.03 2.15 3.20
C ARG A 184 22.69 2.99 1.97
N THR A 185 22.34 2.33 0.88
CA THR A 185 21.96 3.00 -0.36
C THR A 185 20.59 3.63 -0.21
N ALA A 186 19.59 2.79 0.08
CA ALA A 186 18.20 3.22 0.20
C ALA A 186 18.04 4.43 1.12
N GLU A 187 18.58 4.34 2.34
CA GLU A 187 18.53 5.44 3.31
C GLU A 187 19.10 6.73 2.71
N ALA A 188 20.29 6.64 2.14
CA ALA A 188 20.94 7.79 1.51
C ALA A 188 20.14 8.37 0.36
N MET A 189 19.32 7.53 -0.27
CA MET A 189 18.44 7.95 -1.36
C MET A 189 17.12 8.51 -0.85
N VAL A 190 16.72 8.10 0.34
CA VAL A 190 15.54 8.65 1.01
C VAL A 190 15.83 10.08 1.45
N ARG A 191 16.96 10.26 2.16
CA ARG A 191 17.42 11.58 2.61
C ARG A 191 17.53 12.54 1.42
N SER A 192 17.95 12.00 0.27
CA SER A 192 18.15 12.79 -0.95
C SER A 192 16.85 13.19 -1.63
N ARG A 193 15.94 12.22 -1.80
CA ARG A 193 14.66 12.48 -2.45
C ARG A 193 13.71 13.28 -1.56
N GLU A 194 13.85 13.14 -0.25
CA GLU A 194 13.10 13.95 0.70
C GLU A 194 13.42 15.42 0.48
N GLU A 195 14.72 15.72 0.40
CA GLU A 195 15.21 17.06 0.10
C GLU A 195 14.65 17.55 -1.23
N ASN A 196 14.65 16.68 -2.23
CA ASN A 196 14.29 17.06 -3.59
C ASN A 196 12.78 17.26 -3.82
N GLU A 197 11.96 16.34 -3.33
CA GLU A 197 10.50 16.47 -3.49
C GLU A 197 9.82 16.99 -2.24
N PHE A 198 9.62 16.10 -1.26
CA PHE A 198 8.75 16.31 -0.09
C PHE A 198 7.88 17.56 -0.08
N THR A 199 8.52 18.72 0.07
CA THR A 199 7.82 20.02 0.09
C THR A 199 6.79 20.13 -1.03
N ASP A 200 7.16 19.63 -2.22
CA ASP A 200 6.28 19.62 -3.39
C ASP A 200 5.16 18.58 -3.24
N TRP A 201 5.51 17.41 -2.73
CA TRP A 201 4.57 16.31 -2.52
C TRP A 201 3.58 16.64 -1.40
N PHE A 202 4.09 17.22 -0.33
CA PHE A 202 3.27 17.63 0.82
C PHE A 202 2.20 18.63 0.41
N SER A 203 2.54 19.48 -0.57
CA SER A 203 1.61 20.46 -1.11
C SER A 203 0.39 19.81 -1.77
N LEU A 204 0.56 18.60 -2.28
CA LEU A 204 -0.53 17.87 -2.92
C LEU A 204 -1.16 16.82 -1.99
N TRP A 205 -0.81 16.87 -0.71
CA TRP A 205 -1.24 15.85 0.24
C TRP A 205 -2.66 16.07 0.76
N GLY A 206 -3.42 14.98 0.81
CA GLY A 206 -4.83 14.99 1.27
C GLY A 206 -5.06 15.62 2.63
N PRO A 207 -4.45 15.05 3.69
CA PRO A 207 -4.57 15.60 5.05
C PRO A 207 -4.17 17.06 5.16
N TRP A 208 -3.19 17.47 4.35
CA TRP A 208 -2.75 18.86 4.34
C TRP A 208 -3.80 19.77 3.71
N HIS A 209 -4.49 19.27 2.68
CA HIS A 209 -5.62 20.00 2.08
C HIS A 209 -6.78 20.10 3.06
N ALA A 210 -6.91 19.12 3.93
CA ALA A 210 -7.97 19.10 4.94
C ALA A 210 -7.81 20.21 5.98
N VAL A 211 -6.55 20.49 6.34
CA VAL A 211 -6.24 21.56 7.28
C VAL A 211 -6.42 22.93 6.62
N LEU A 212 -6.16 23.00 5.31
CA LEU A 212 -6.24 24.26 4.57
C LEU A 212 -7.66 24.79 4.37
N LYS A 213 -8.62 23.88 4.22
CA LYS A 213 -10.04 24.27 4.09
C LYS A 213 -10.61 24.71 5.44
N ARG A 214 -10.00 24.23 6.53
CA ARG A 214 -10.43 24.56 7.89
C ARG A 214 -9.79 25.86 8.37
N THR A 215 -8.46 25.93 8.27
CA THR A 215 -7.70 27.07 8.78
C THR A 215 -7.80 28.26 7.82
N GLU A 216 -7.08 28.19 6.71
CA GLU A 216 -7.02 29.29 5.75
C GLU A 216 -8.09 29.14 4.67
N ALA A 217 -9.35 29.22 5.10
CA ALA A 217 -10.50 29.12 4.20
C ALA A 217 -10.52 30.27 3.19
N ASP A 218 -10.12 31.46 3.65
CA ASP A 218 -10.02 32.65 2.80
C ASP A 218 -8.98 32.45 1.69
N ARG A 219 -7.82 31.92 2.08
CA ARG A 219 -6.73 31.63 1.13
C ARG A 219 -7.01 30.40 0.27
N TRP A 220 -7.89 29.52 0.75
CA TRP A 220 -8.32 28.37 -0.03
C TRP A 220 -9.19 28.80 -1.22
N ALA A 221 -10.00 29.84 -1.00
CA ALA A 221 -10.82 30.42 -2.06
C ALA A 221 -9.98 31.14 -3.10
N GLN A 222 -8.76 31.51 -2.71
CA GLN A 222 -7.78 32.13 -3.60
C GLN A 222 -7.25 31.13 -4.63
N ALA A 223 -6.84 29.96 -4.15
CA ALA A 223 -6.23 28.93 -4.99
C ALA A 223 -7.21 28.22 -5.90
N GLU A 224 -8.44 28.02 -5.41
CA GLU A 224 -9.48 27.33 -6.19
C GLU A 224 -10.05 28.18 -7.32
N GLU A 225 -10.00 29.50 -7.14
CA GLU A 225 -10.39 30.43 -8.18
C GLU A 225 -9.32 30.58 -9.26
N GLN A 226 -8.06 30.35 -8.87
CA GLN A 226 -6.93 30.37 -9.81
C GLN A 226 -6.97 29.18 -10.77
N LYS A 227 -7.52 28.06 -10.29
CA LYS A 227 -7.74 26.88 -11.14
C LYS A 227 -8.85 27.14 -12.16
N TYR A 228 -9.96 27.71 -11.70
CA TYR A 228 -11.04 28.18 -12.57
C TYR A 228 -10.50 29.10 -13.65
N GLU A 229 -9.62 30.03 -13.23
CA GLU A 229 -9.00 31.00 -14.13
C GLU A 229 -8.05 30.32 -15.12
N MET A 230 -7.28 29.35 -14.64
CA MET A 230 -6.29 28.68 -15.46
C MET A 230 -6.88 27.64 -16.41
N LEU A 231 -8.00 27.04 -16.01
CA LEU A 231 -8.66 26.01 -16.81
C LEU A 231 -9.42 26.58 -18.02
N GLU A 232 -10.05 27.74 -17.83
CA GLU A 232 -10.79 28.38 -18.93
C GLU A 232 -9.86 29.17 -19.85
N ASN A 233 -8.95 29.91 -19.25
CA ASN A 233 -8.06 30.81 -19.99
C ASN A 233 -6.85 30.09 -20.59
N GLU A 234 -5.90 29.70 -19.74
CA GLU A 234 -4.60 29.21 -20.20
C GLU A 234 -4.60 27.76 -20.69
N TYR A 235 -5.36 26.91 -20.00
CA TYR A 235 -5.41 25.46 -20.30
C TYR A 235 -5.67 25.13 -21.78
N PRO A 236 -6.82 25.56 -22.34
CA PRO A 236 -7.15 25.12 -23.70
C PRO A 236 -6.11 25.55 -24.73
N GLN A 237 -5.48 26.71 -24.50
CA GLN A 237 -4.44 27.22 -25.37
C GLN A 237 -3.13 26.46 -25.18
N ARG A 238 -2.71 26.30 -23.92
CA ARG A 238 -1.40 25.72 -23.61
C ARG A 238 -1.31 24.23 -23.87
N VAL A 239 -2.47 23.58 -24.03
CA VAL A 239 -2.54 22.19 -24.50
C VAL A 239 -2.42 22.18 -26.02
N ALA A 240 -3.16 23.07 -26.68
CA ALA A 240 -3.21 23.17 -28.13
C ALA A 240 -1.82 23.43 -28.75
N ASP A 241 -1.08 24.37 -28.16
CA ASP A 241 0.24 24.74 -28.67
C ASP A 241 1.35 23.73 -28.30
N ARG A 242 1.09 22.92 -27.28
CA ARG A 242 1.97 21.81 -26.92
C ARG A 242 1.75 20.68 -27.92
N LEU A 243 0.49 20.52 -28.33
CA LEU A 243 0.07 19.51 -29.28
C LEU A 243 0.45 19.91 -30.71
N LYS A 244 0.51 21.22 -30.94
CA LYS A 244 0.91 21.79 -32.22
C LYS A 244 2.43 21.63 -32.41
N ALA A 245 3.18 21.78 -31.33
CA ALA A 245 4.63 21.65 -31.35
C ALA A 245 5.09 20.21 -31.55
N SER A 246 4.33 19.28 -30.98
CA SER A 246 4.62 17.86 -31.09
C SER A 246 4.07 17.25 -32.39
N GLY A 247 3.08 17.93 -32.98
CA GLY A 247 2.48 17.50 -34.24
C GLY A 247 1.48 16.37 -34.05
N LEU A 248 0.60 16.52 -33.07
CA LEU A 248 -0.37 15.48 -32.75
C LEU A 248 -1.81 16.01 -32.58
N SER A 249 -2.15 17.03 -33.36
CA SER A 249 -3.50 17.62 -33.34
C SER A 249 -4.56 16.64 -33.85
N GLY A 250 -5.00 15.74 -32.97
CA GLY A 250 -5.95 14.69 -33.33
C GLY A 250 -5.78 13.47 -32.43
N ASP A 251 -6.88 12.73 -32.28
CA ASP A 251 -6.99 11.56 -31.37
C ASP A 251 -6.64 11.89 -29.91
N ALA A 252 -7.63 11.75 -29.04
CA ALA A 252 -7.53 12.13 -27.62
C ALA A 252 -6.41 11.43 -26.83
N ASP A 253 -5.86 10.35 -27.40
CA ASP A 253 -4.69 9.68 -26.81
C ASP A 253 -3.50 10.63 -26.73
N ALA A 254 -3.49 11.64 -27.60
CA ALA A 254 -2.49 12.69 -27.56
C ALA A 254 -3.02 13.90 -26.78
N GLU A 255 -4.32 14.18 -26.94
CA GLU A 255 -4.95 15.36 -26.33
C GLU A 255 -5.10 15.25 -24.81
N ARG A 256 -5.69 14.14 -24.34
CA ARG A 256 -5.94 13.91 -22.92
C ARG A 256 -4.65 13.67 -22.13
N GLU A 257 -3.73 12.90 -22.70
CA GLU A 257 -2.45 12.56 -22.06
C GLU A 257 -1.64 13.81 -21.74
N ALA A 258 -1.68 14.78 -22.65
CA ALA A 258 -0.99 16.04 -22.46
C ALA A 258 -1.78 16.99 -21.56
N GLY A 259 -3.10 16.99 -21.72
CA GLY A 259 -4.00 17.85 -20.93
C GLY A 259 -3.95 17.58 -19.44
N ALA A 260 -3.89 16.29 -19.09
CA ALA A 260 -3.81 15.88 -17.69
C ALA A 260 -2.51 16.29 -17.02
N GLN A 261 -1.44 16.37 -17.82
CA GLN A 261 -0.13 16.82 -17.32
C GLN A 261 -0.14 18.30 -16.99
N VAL A 262 -0.83 19.09 -17.81
CA VAL A 262 -0.97 20.53 -17.59
C VAL A 262 -1.73 20.79 -16.30
N MET A 263 -2.79 20.01 -16.07
CA MET A 263 -3.53 20.07 -14.82
C MET A 263 -2.67 19.70 -13.61
N ARG A 264 -1.89 18.63 -13.75
CA ARG A 264 -0.97 18.20 -12.70
C ARG A 264 0.10 19.25 -12.38
N GLU A 265 0.57 19.94 -13.43
CA GLU A 265 1.62 20.95 -13.26
C GLU A 265 1.11 22.31 -12.78
N THR A 266 -0.10 22.68 -13.21
CA THR A 266 -0.74 23.89 -12.69
C THR A 266 -1.06 23.70 -11.21
N GLU A 267 -1.52 22.50 -10.86
CA GLU A 267 -1.79 22.14 -9.46
C GLU A 267 -0.50 22.13 -8.63
N GLN A 268 0.53 21.45 -9.14
CA GLN A 268 1.82 21.38 -8.46
C GLN A 268 2.39 22.76 -8.20
N GLN A 269 2.18 23.69 -9.14
CA GLN A 269 2.61 25.06 -8.98
C GLN A 269 1.81 25.80 -7.90
N ILE A 270 0.52 26.02 -8.16
CA ILE A 270 -0.37 26.76 -7.25
C ILE A 270 -0.27 26.30 -5.80
N TYR A 271 -0.37 24.99 -5.57
CA TYR A 271 -0.35 24.42 -4.23
C TYR A 271 1.02 24.54 -3.55
N ARG A 272 2.09 24.47 -4.33
CA ARG A 272 3.44 24.70 -3.80
C ARG A 272 3.58 26.14 -3.30
N GLN A 273 3.07 27.10 -4.07
CA GLN A 273 3.08 28.51 -3.67
C GLN A 273 2.34 28.69 -2.34
N LEU A 274 1.11 28.18 -2.31
CA LEU A 274 0.23 28.30 -1.14
C LEU A 274 0.87 27.74 0.13
N THR A 275 1.42 26.53 0.04
CA THR A 275 2.09 25.88 1.17
C THR A 275 3.26 26.73 1.65
N ASP A 276 4.01 27.29 0.70
CA ASP A 276 5.13 28.18 1.01
C ASP A 276 4.68 29.47 1.70
N GLU A 277 3.45 29.89 1.45
CA GLU A 277 2.89 31.09 2.07
C GLU A 277 2.53 30.86 3.53
N VAL A 278 1.83 29.77 3.80
CA VAL A 278 1.23 29.52 5.12
C VAL A 278 2.17 28.85 6.11
N LEU A 279 3.33 28.36 5.63
CA LEU A 279 4.34 27.77 6.50
C LEU A 279 5.28 28.82 7.08
N ALA A 280 5.34 29.97 6.42
CA ALA A 280 6.06 31.15 6.93
C ALA A 280 5.29 31.73 8.12
N LEU A 281 3.97 31.84 7.97
CA LEU A 281 3.08 32.19 9.08
C LEU A 281 3.13 31.12 10.16
N ARG A 282 3.66 29.94 9.79
CA ARG A 282 3.80 28.78 10.68
C ARG A 282 2.46 28.12 10.99
#